data_7N12
#
_entry.id   7N12
#
_cell.length_a   113.439
_cell.length_b   37.107
_cell.length_c   100.287
_cell.angle_alpha   90.000
_cell.angle_beta   112.279
_cell.angle_gamma   90.000
#
_symmetry.space_group_name_H-M   'C 1 2 1'
#
loop_
_entity.id
_entity.type
_entity.pdbx_description
1 polymer 'Leucine--tRNA ligase'
2 non-polymer "[(1S,5R,6R,7'S,8R)-7'-(aminomethyl)-6-(6-aminopurin-9-yl)-2'-(3-oxidanylpropoxy)spiro[2,4,7-trioxa-3-boranuidabicyclo[3.3.0]octane-3,9'-8-oxa-9-boranuidabicyclo[4.3.0]nona-1(6),2,4-triene]-8-yl]methyl dihydrogen phosphate"
3 non-polymer 'SULFATE ION'
4 water water
#
_entity_poly.entity_id   1
_entity_poly.type   'polypeptide(L)'
_entity_poly.pdbx_seq_one_letter_code
;SQGASVLFGAPGAGDIEVFTTRPDTLFGATYMVLAPEHPLVDQLAADVWPQDTDPRWTGGQDSPRAAIEQYRRSIAAKSD
LERQENKEKTGVFTGAYATNPVSGKPVPVFIADYVLLGYGTGAIMAVPGHDQRDWDFANTFGLPVQEVISGGDVTKAAYT
GDGVLVNSDYLDGLDIEAAKVEVTRRLVKDGRGESR
;
_entity_poly.pdbx_strand_id   B,A
#
loop_
_chem_comp.id
_chem_comp.type
_chem_comp.name
_chem_comp.formula
365 non-polymer '[(1S,5R,6R,7'S,8R)-7'-(aminomethyl)-6-(6-aminopurin-9-yl)-2'-(3-oxidanylpropoxy)spiro[2,4,7-trioxa-3-boranuidabicyclo[3.3.0]octane-3,9'-8-oxa-9-boranuidabicyclo[4.3.0]nona-1(6),2,4-triene]-8-yl]methyl dihydrogen phosphate' 'C21 H27 B N6 O10 P -1'
SO4 non-polymer 'SULFATE ION' 'O4 S -2'
#
# COMPACT_ATOMS: atom_id res chain seq x y z
N GLN A 2 -4.60 12.57 3.91
CA GLN A 2 -4.87 12.99 2.53
C GLN A 2 -3.72 13.90 2.01
N GLY A 3 -4.05 14.92 1.22
CA GLY A 3 -3.01 15.72 0.55
C GLY A 3 -2.40 16.80 1.43
N ALA A 4 -1.42 17.52 0.85
CA ALA A 4 -0.84 18.65 1.56
C ALA A 4 -0.35 19.72 0.57
N SER A 5 -0.37 20.97 1.05
CA SER A 5 0.38 22.07 0.47
C SER A 5 1.73 22.18 1.19
N VAL A 6 2.82 22.24 0.42
CA VAL A 6 4.17 22.24 0.96
C VAL A 6 4.95 23.41 0.38
N LEU A 7 5.69 24.11 1.23
CA LEU A 7 6.49 25.27 0.81
C LEU A 7 7.97 24.90 0.74
N PHE A 8 8.59 25.12 -0.43
CA PHE A 8 10.03 24.97 -0.64
C PHE A 8 10.60 26.39 -0.81
N GLY A 9 11.38 26.86 0.14
CA GLY A 9 12.02 28.16 -0.01
C GLY A 9 13.12 28.12 -1.08
N ALA A 10 13.19 29.20 -1.86
CA ALA A 10 14.27 29.31 -2.86
C ALA A 10 14.85 30.72 -2.82
N PRO A 11 16.16 30.85 -2.84
CA PRO A 11 16.76 32.19 -2.77
C PRO A 11 16.18 33.15 -3.79
N GLY A 12 15.80 34.33 -3.32
CA GLY A 12 15.30 35.38 -4.18
C GLY A 12 13.96 35.13 -4.81
N ALA A 13 13.33 33.98 -4.57
CA ALA A 13 12.05 33.65 -5.20
C ALA A 13 10.94 33.41 -4.18
N GLY A 14 11.16 33.71 -2.91
CA GLY A 14 10.17 33.37 -1.90
C GLY A 14 9.97 31.86 -1.82
N ASP A 15 8.76 31.46 -1.47
CA ASP A 15 8.41 30.05 -1.38
C ASP A 15 7.78 29.59 -2.68
N ILE A 16 8.18 28.39 -3.11
CA ILE A 16 7.50 27.64 -4.15
C ILE A 16 6.55 26.66 -3.47
N GLU A 17 5.26 26.88 -3.64
CA GLU A 17 4.25 26.03 -3.04
C GLU A 17 3.95 24.92 -4.02
N VAL A 18 3.89 23.69 -3.49
CA VAL A 18 3.51 22.52 -4.25
C VAL A 18 2.31 21.83 -3.59
N PHE A 19 1.52 21.17 -4.39
CA PHE A 19 0.47 20.27 -3.90
C PHE A 19 0.99 18.84 -4.05
N THR A 20 0.90 18.05 -2.98
CA THR A 20 1.19 16.62 -3.09
C THR A 20 0.15 15.76 -2.37
N THR A 21 -0.19 14.64 -2.99
N THR A 21 -0.12 14.60 -2.95
CA THR A 21 -1.00 13.62 -2.31
CA THR A 21 -1.01 13.62 -2.28
C THR A 21 -0.16 12.65 -1.50
C THR A 21 -0.15 12.66 -1.45
N ARG A 22 1.17 12.75 -1.56
CA ARG A 22 2.08 11.88 -0.81
C ARG A 22 3.11 12.71 -0.02
N PRO A 23 2.65 13.55 0.91
CA PRO A 23 3.61 14.29 1.74
C PRO A 23 4.54 13.39 2.52
N ASP A 24 4.12 12.15 2.81
CA ASP A 24 4.98 11.21 3.51
C ASP A 24 6.28 10.95 2.76
N THR A 25 6.33 11.19 1.45
CA THR A 25 7.52 10.92 0.66
C THR A 25 8.47 12.12 0.58
N LEU A 26 8.27 13.15 1.42
CA LEU A 26 9.06 14.36 1.32
C LEU A 26 10.58 14.15 1.40
N PHE A 27 11.06 13.16 2.17
CA PHE A 27 12.50 12.95 2.26
C PHE A 27 13.07 12.33 0.98
N GLY A 28 12.23 11.92 0.05
CA GLY A 28 12.62 11.42 -1.23
C GLY A 28 12.41 12.40 -2.37
N ALA A 29 12.09 13.65 -2.06
CA ALA A 29 11.97 14.71 -3.06
C ALA A 29 13.36 15.19 -3.41
N THR A 30 13.87 14.72 -4.56
CA THR A 30 15.24 15.00 -4.96
C THR A 30 15.34 16.11 -5.99
N TYR A 31 14.21 16.58 -6.51
CA TYR A 31 14.17 17.76 -7.35
C TYR A 31 12.75 18.28 -7.35
N MET A 32 12.55 19.43 -8.00
CA MET A 32 11.25 20.07 -8.12
C MET A 32 11.00 20.39 -9.59
N VAL A 33 9.73 20.46 -9.98
CA VAL A 33 9.36 20.78 -11.36
C VAL A 33 8.23 21.80 -11.34
N LEU A 34 8.45 22.90 -12.05
CA LEU A 34 7.46 23.94 -12.26
C LEU A 34 6.95 23.85 -13.70
N ALA A 35 5.67 24.19 -13.88
CA ALA A 35 5.16 24.34 -15.22
C ALA A 35 6.00 25.42 -15.93
N PRO A 36 6.22 25.25 -17.24
CA PRO A 36 7.12 26.19 -17.94
C PRO A 36 6.71 27.65 -17.83
N GLU A 37 5.43 27.96 -17.77
CA GLU A 37 4.97 29.34 -17.68
C GLU A 37 4.67 29.77 -16.25
N HIS A 38 5.06 28.97 -15.26
CA HIS A 38 4.89 29.35 -13.87
C HIS A 38 5.54 30.70 -13.63
N PRO A 39 4.84 31.65 -12.98
CA PRO A 39 5.35 33.03 -12.88
C PRO A 39 6.71 33.22 -12.16
N LEU A 40 7.06 32.36 -11.19
CA LEU A 40 8.36 32.37 -10.45
C LEU A 40 9.55 31.92 -11.31
N VAL A 41 9.37 31.30 -12.47
CA VAL A 41 10.51 30.75 -13.23
C VAL A 41 11.48 31.86 -13.63
N ASP A 42 10.99 32.94 -14.22
CA ASP A 42 11.89 34.03 -14.60
C ASP A 42 12.67 34.57 -13.41
N GLN A 43 12.06 34.55 -12.23
CA GLN A 43 12.77 34.97 -11.02
C GLN A 43 13.84 33.96 -10.62
N LEU A 44 13.56 32.66 -10.82
CA LEU A 44 14.48 31.62 -10.36
C LEU A 44 15.70 31.45 -11.26
N ALA A 45 15.60 31.85 -12.52
CA ALA A 45 16.67 31.51 -13.45
C ALA A 45 17.99 32.10 -12.98
N ALA A 46 19.02 31.26 -12.90
CA ALA A 46 20.35 31.69 -12.46
C ALA A 46 21.06 32.43 -13.60
N ASP A 47 22.07 33.19 -13.27
CA ASP A 47 22.90 33.92 -14.26
C ASP A 47 23.86 32.95 -14.97
N VAL A 48 24.27 31.86 -14.33
CA VAL A 48 25.36 31.00 -14.81
C VAL A 48 24.99 29.57 -14.45
N TRP A 49 25.12 28.65 -15.40
CA TRP A 49 24.91 27.24 -15.04
C TRP A 49 25.77 26.91 -13.82
N PRO A 50 25.19 26.38 -12.73
CA PRO A 50 26.01 25.92 -11.59
C PRO A 50 27.02 24.84 -11.97
N GLN A 51 28.05 24.71 -11.13
CA GLN A 51 29.11 23.74 -11.42
C GLN A 51 28.54 22.35 -11.77
N ASP A 52 27.61 21.86 -10.98
CA ASP A 52 27.16 20.48 -11.14
C ASP A 52 25.95 20.35 -12.05
N THR A 53 25.74 21.32 -12.91
CA THR A 53 24.77 21.14 -13.99
C THR A 53 25.17 19.98 -14.89
N ASP A 54 24.23 19.04 -15.09
CA ASP A 54 24.39 17.97 -16.07
C ASP A 54 24.17 18.54 -17.48
N PRO A 55 25.00 18.19 -18.46
CA PRO A 55 24.78 18.72 -19.81
C PRO A 55 23.45 18.30 -20.39
N ARG A 56 22.83 17.24 -19.87
CA ARG A 56 21.52 16.83 -20.37
C ARG A 56 20.42 17.80 -19.96
N TRP A 57 20.72 18.74 -19.04
CA TRP A 57 19.75 19.61 -18.38
C TRP A 57 19.60 20.97 -19.05
N THR A 58 20.42 21.26 -20.05
CA THR A 58 20.62 22.62 -20.50
C THR A 58 19.89 22.95 -21.79
N GLY A 59 19.25 21.97 -22.42
CA GLY A 59 18.84 22.16 -23.79
C GLY A 59 19.97 22.55 -24.73
N GLY A 60 21.22 22.30 -24.34
CA GLY A 60 22.34 22.67 -25.18
C GLY A 60 22.61 24.15 -25.20
N GLN A 61 21.89 24.92 -24.41
CA GLN A 61 22.06 26.37 -24.38
C GLN A 61 23.08 26.80 -23.34
N ASP A 62 23.63 27.99 -23.58
CA ASP A 62 24.76 28.49 -22.82
C ASP A 62 24.36 29.13 -21.50
N SER A 63 23.07 29.33 -21.26
CA SER A 63 22.64 29.94 -20.01
C SER A 63 21.27 29.42 -19.61
N PRO A 64 20.94 29.46 -18.30
CA PRO A 64 19.57 29.14 -17.88
C PRO A 64 18.46 29.88 -18.63
N ARG A 65 18.55 31.19 -18.74
CA ARG A 65 17.49 31.94 -19.43
C ARG A 65 17.33 31.47 -20.87
N ALA A 66 18.43 31.18 -21.55
CA ALA A 66 18.38 30.66 -22.92
C ALA A 66 17.67 29.33 -22.98
N ALA A 67 18.03 28.41 -22.08
CA ALA A 67 17.39 27.10 -22.08
C ALA A 67 15.89 27.24 -21.85
N ILE A 68 15.52 28.10 -20.91
CA ILE A 68 14.13 28.29 -20.56
C ILE A 68 13.36 28.85 -21.76
N GLU A 69 13.94 29.87 -22.39
CA GLU A 69 13.27 30.49 -23.53
C GLU A 69 13.10 29.51 -24.67
N GLN A 70 14.17 28.80 -25.02
CA GLN A 70 14.05 27.83 -26.10
C GLN A 70 13.10 26.69 -25.73
N TYR A 71 13.08 26.27 -24.47
CA TYR A 71 12.13 25.21 -24.11
C TYR A 71 10.70 25.73 -24.25
N ARG A 72 10.41 26.91 -23.72
CA ARG A 72 9.09 27.49 -23.93
C ARG A 72 8.79 27.60 -25.43
N ARG A 73 9.71 28.18 -26.21
CA ARG A 73 9.51 28.22 -27.66
C ARG A 73 9.23 26.81 -28.20
N SER A 74 9.92 25.81 -27.67
CA SER A 74 9.77 24.40 -28.09
C SER A 74 8.32 23.95 -27.84
N ILE A 75 7.65 24.52 -26.83
CA ILE A 75 6.31 24.06 -26.53
C ILE A 75 5.31 24.66 -27.53
N ALA A 76 5.62 25.84 -28.10
CA ALA A 76 4.74 26.44 -29.11
C ALA A 76 4.86 25.74 -30.47
N ALA A 77 6.09 25.61 -30.97
CA ALA A 77 6.33 24.80 -32.16
C ALA A 77 5.92 23.34 -31.94
N LYS A 78 5.32 22.73 -32.96
CA LYS A 78 4.78 21.36 -32.85
C LYS A 78 3.84 21.21 -31.66
N SER A 79 3.22 22.31 -31.23
CA SER A 79 2.28 22.28 -30.12
C SER A 79 0.97 21.60 -30.52
N LYS A 87 3.83 11.58 -24.00
CA LYS A 87 5.03 11.08 -24.68
C LYS A 87 6.24 11.09 -23.76
N GLU A 88 7.40 11.35 -24.36
CA GLU A 88 8.65 11.27 -23.63
C GLU A 88 8.80 12.51 -22.74
N LYS A 89 9.76 12.43 -21.82
CA LYS A 89 9.98 13.49 -20.84
C LYS A 89 10.96 14.52 -21.40
N THR A 90 10.58 15.80 -21.30
CA THR A 90 11.42 16.89 -21.70
C THR A 90 11.39 17.96 -20.61
N GLY A 91 12.39 18.83 -20.66
CA GLY A 91 12.51 19.88 -19.65
C GLY A 91 13.90 20.44 -19.62
N VAL A 92 14.07 21.50 -18.81
CA VAL A 92 15.37 22.12 -18.59
C VAL A 92 15.51 22.54 -17.13
N PHE A 93 16.75 22.61 -16.69
CA PHE A 93 17.09 23.13 -15.37
C PHE A 93 17.04 24.66 -15.34
N THR A 94 16.59 25.23 -14.22
CA THR A 94 16.56 26.69 -14.09
C THR A 94 17.87 27.26 -13.54
N GLY A 95 18.78 26.42 -13.03
CA GLY A 95 19.93 26.86 -12.27
C GLY A 95 19.69 27.06 -10.78
N ALA A 96 18.44 26.98 -10.33
CA ALA A 96 18.07 27.32 -8.97
C ALA A 96 17.95 26.05 -8.14
N TYR A 97 18.29 26.16 -6.85
CA TYR A 97 18.07 25.10 -5.87
C TYR A 97 17.18 25.61 -4.76
N ALA A 98 16.12 24.88 -4.48
CA ALA A 98 15.26 25.13 -3.34
C ALA A 98 15.67 24.29 -2.12
N THR A 99 15.19 24.71 -0.94
CA THR A 99 15.47 24.01 0.31
C THR A 99 14.35 23.01 0.57
N ASN A 100 14.69 21.72 0.65
CA ASN A 100 13.71 20.73 1.08
C ASN A 100 13.25 21.07 2.49
N PRO A 101 11.93 21.17 2.75
CA PRO A 101 11.49 21.75 4.04
C PRO A 101 11.57 20.84 5.25
N VAL A 102 11.90 19.56 5.06
CA VAL A 102 12.05 18.64 6.17
C VAL A 102 13.49 18.18 6.35
N SER A 103 14.28 18.09 5.28
CA SER A 103 15.67 17.65 5.38
C SER A 103 16.69 18.78 5.33
N GLY A 104 16.30 19.93 4.78
CA GLY A 104 17.21 21.03 4.54
C GLY A 104 18.08 20.87 3.33
N LYS A 105 17.95 19.78 2.59
CA LYS A 105 18.88 19.53 1.49
C LYS A 105 18.53 20.37 0.26
N PRO A 106 19.53 20.62 -0.61
CA PRO A 106 19.23 21.34 -1.85
C PRO A 106 18.46 20.46 -2.83
N VAL A 107 17.47 21.04 -3.48
CA VAL A 107 16.73 20.30 -4.52
C VAL A 107 16.70 21.17 -5.78
N PRO A 108 17.33 20.71 -6.86
CA PRO A 108 17.33 21.50 -8.09
C PRO A 108 15.94 21.66 -8.69
N VAL A 109 15.70 22.84 -9.25
CA VAL A 109 14.39 23.25 -9.78
C VAL A 109 14.41 23.19 -11.30
N PHE A 110 13.51 22.38 -11.87
CA PHE A 110 13.38 22.25 -13.31
C PHE A 110 12.04 22.83 -13.76
N ILE A 111 11.93 23.06 -15.06
CA ILE A 111 10.64 23.24 -15.71
C ILE A 111 10.45 22.07 -16.67
N ALA A 112 9.20 21.61 -16.81
CA ALA A 112 8.93 20.50 -17.71
C ALA A 112 7.44 20.49 -18.02
N ASP A 113 7.09 20.14 -19.24
CA ASP A 113 5.71 20.30 -19.64
C ASP A 113 4.81 19.19 -19.10
N TYR A 114 5.37 18.18 -18.42
CA TYR A 114 4.50 17.21 -17.75
C TYR A 114 3.84 17.80 -16.52
N VAL A 115 4.24 18.99 -16.10
CA VAL A 115 3.62 19.70 -14.99
C VAL A 115 2.73 20.81 -15.56
N LEU A 116 1.45 20.75 -15.23
CA LEU A 116 0.45 21.63 -15.80
C LEU A 116 0.34 22.89 -14.96
N LEU A 117 0.37 24.07 -15.62
CA LEU A 117 0.26 25.30 -14.85
C LEU A 117 -1.06 25.36 -14.08
N GLY A 118 -2.12 24.84 -14.66
CA GLY A 118 -3.44 25.05 -14.14
C GLY A 118 -3.89 24.05 -13.12
N TYR A 119 -3.09 23.01 -12.84
CA TYR A 119 -3.41 22.03 -11.82
C TYR A 119 -2.69 22.35 -10.52
N GLY A 120 -3.42 22.26 -9.40
CA GLY A 120 -2.81 22.56 -8.10
C GLY A 120 -2.19 23.94 -8.10
N THR A 121 -0.91 24.02 -7.73
CA THR A 121 -0.19 25.28 -7.73
C THR A 121 0.67 25.49 -8.98
N GLY A 122 0.61 24.58 -9.93
CA GLY A 122 1.50 24.66 -11.08
C GLY A 122 2.92 24.22 -10.80
N ALA A 123 3.15 23.56 -9.66
CA ALA A 123 4.48 23.15 -9.25
C ALA A 123 4.38 21.87 -8.41
N ILE A 124 5.36 20.99 -8.60
CA ILE A 124 5.43 19.76 -7.84
C ILE A 124 6.78 19.61 -7.16
N MET A 125 6.78 18.82 -6.09
CA MET A 125 7.98 18.14 -5.64
C MET A 125 8.08 16.82 -6.39
N ALA A 126 9.31 16.42 -6.74
CA ALA A 126 9.48 15.22 -7.55
C ALA A 126 10.16 14.14 -6.71
N VAL A 127 9.55 12.96 -6.68
CA VAL A 127 9.96 11.82 -5.88
C VAL A 127 10.07 10.63 -6.83
N PRO A 128 11.18 10.53 -7.57
CA PRO A 128 11.29 9.45 -8.58
C PRO A 128 11.19 8.09 -7.97
N GLY A 129 11.51 7.93 -6.70
CA GLY A 129 11.42 6.60 -6.12
C GLY A 129 10.01 6.06 -6.05
N HIS A 130 8.99 6.93 -6.12
CA HIS A 130 7.63 6.52 -5.77
C HIS A 130 6.55 7.10 -6.66
N ASP A 131 6.91 7.78 -7.75
CA ASP A 131 6.01 8.39 -8.71
C ASP A 131 6.63 8.12 -10.06
N GLN A 132 5.96 7.29 -10.89
CA GLN A 132 6.63 6.82 -12.10
C GLN A 132 6.84 7.94 -13.09
N ARG A 133 6.01 9.00 -13.04
CA ARG A 133 6.24 10.18 -13.86
C ARG A 133 7.57 10.81 -13.50
N ASP A 134 7.83 10.96 -12.20
CA ASP A 134 9.10 11.51 -11.74
C ASP A 134 10.25 10.53 -11.99
N TRP A 135 9.99 9.22 -11.90
CA TRP A 135 11.00 8.24 -12.22
C TRP A 135 11.44 8.37 -13.67
N ASP A 136 10.47 8.51 -14.59
CA ASP A 136 10.82 8.64 -16.00
C ASP A 136 11.66 9.88 -16.27
N PHE A 137 11.27 11.01 -15.71
CA PHE A 137 12.05 12.23 -15.93
C PHE A 137 13.43 12.10 -15.29
N ALA A 138 13.50 11.56 -14.08
CA ALA A 138 14.82 11.42 -13.46
C ALA A 138 15.71 10.45 -14.24
N ASN A 139 15.12 9.46 -14.90
CA ASN A 139 15.93 8.47 -15.61
C ASN A 139 16.40 9.01 -16.96
N THR A 140 15.62 9.92 -17.55
CA THR A 140 16.02 10.58 -18.77
C THR A 140 17.13 11.57 -18.51
N PHE A 141 17.01 12.35 -17.42
CA PHE A 141 17.89 13.48 -17.21
C PHE A 141 19.00 13.23 -16.21
N GLY A 142 18.96 12.12 -15.48
CA GLY A 142 20.01 11.81 -14.53
C GLY A 142 19.88 12.52 -13.20
N LEU A 143 18.73 12.38 -12.57
CA LEU A 143 18.53 12.91 -11.23
C LEU A 143 18.50 11.79 -10.19
N PRO A 144 18.86 12.09 -8.95
CA PRO A 144 18.93 11.05 -7.92
C PRO A 144 17.58 10.44 -7.62
N VAL A 145 17.60 9.15 -7.33
CA VAL A 145 16.41 8.36 -7.05
C VAL A 145 16.57 7.85 -5.62
N GLN A 146 15.71 8.30 -4.71
CA GLN A 146 15.84 7.99 -3.25
C GLN A 146 14.65 7.13 -2.81
N GLU A 147 14.92 5.97 -2.25
CA GLU A 147 13.85 5.10 -1.69
C GLU A 147 13.46 5.66 -0.32
N VAL A 148 12.22 6.03 -0.09
CA VAL A 148 11.67 6.34 1.25
C VAL A 148 10.49 5.40 1.60
N ILE A 149 10.05 4.49 0.74
CA ILE A 149 8.95 3.52 1.02
C ILE A 149 9.55 2.13 0.77
N SER A 150 9.64 1.29 1.79
CA SER A 150 10.13 -0.08 1.64
C SER A 150 9.20 -0.91 0.76
N GLY A 151 9.78 -1.74 -0.12
CA GLY A 151 8.96 -2.78 -0.75
C GLY A 151 9.25 -3.10 -2.21
N GLY A 152 9.96 -2.23 -2.91
CA GLY A 152 10.28 -2.45 -4.30
C GLY A 152 11.76 -2.27 -4.57
N ASP A 153 12.06 -1.83 -5.78
CA ASP A 153 13.43 -1.63 -6.22
C ASP A 153 13.40 -0.34 -7.04
N VAL A 154 13.70 0.80 -6.41
CA VAL A 154 13.58 2.07 -7.10
C VAL A 154 14.63 2.22 -8.19
N THR A 155 15.59 1.31 -8.31
CA THR A 155 16.48 1.34 -9.46
C THR A 155 15.84 0.76 -10.70
N LYS A 156 14.75 0.00 -10.57
CA LYS A 156 14.05 -0.50 -11.73
C LYS A 156 12.79 0.29 -12.09
N ALA A 157 12.06 0.77 -11.09
CA ALA A 157 10.78 1.45 -11.30
C ALA A 157 10.34 2.09 -9.98
N ALA A 158 9.50 3.10 -10.10
CA ALA A 158 8.93 3.71 -8.90
C ALA A 158 8.14 2.67 -8.12
N TYR A 159 8.28 2.68 -6.80
CA TYR A 159 7.54 1.74 -5.98
C TYR A 159 6.30 2.43 -5.43
N THR A 160 5.14 2.03 -5.94
CA THR A 160 3.89 2.73 -5.64
C THR A 160 3.07 1.94 -4.66
N GLY A 161 3.63 0.87 -4.11
CA GLY A 161 2.91 0.00 -3.21
C GLY A 161 2.96 0.47 -1.78
N ASP A 162 2.44 -0.37 -0.91
CA ASP A 162 2.42 -0.11 0.51
C ASP A 162 3.73 -0.59 1.11
N GLY A 163 4.14 0.06 2.17
CA GLY A 163 5.38 -0.30 2.82
C GLY A 163 5.62 0.66 3.96
N VAL A 164 6.78 0.55 4.57
CA VAL A 164 7.11 1.36 5.74
C VAL A 164 8.10 2.43 5.33
N LEU A 165 8.06 3.55 6.04
CA LEU A 165 8.95 4.67 5.71
C LEU A 165 10.39 4.32 6.09
N VAL A 166 11.34 4.73 5.24
CA VAL A 166 12.76 4.54 5.47
C VAL A 166 13.48 5.79 4.96
N ASN A 167 14.72 5.96 5.41
CA ASN A 167 15.53 7.14 5.04
C ASN A 167 14.81 8.45 5.24
N SER A 168 13.99 8.52 6.28
CA SER A 168 13.07 9.63 6.49
C SER A 168 13.01 10.06 7.95
N ASP A 169 14.11 9.95 8.69
CA ASP A 169 14.22 10.56 10.01
C ASP A 169 13.07 10.19 10.93
N TYR A 170 12.27 11.17 11.38
CA TYR A 170 11.23 10.90 12.38
C TYR A 170 10.04 10.16 11.81
N LEU A 171 10.05 9.89 10.50
CA LEU A 171 9.03 9.05 9.87
C LEU A 171 9.43 7.59 9.78
N ASP A 172 10.70 7.24 10.03
CA ASP A 172 11.15 5.88 9.80
C ASP A 172 10.30 4.89 10.60
N GLY A 173 9.88 3.82 9.96
CA GLY A 173 9.07 2.81 10.60
C GLY A 173 7.59 3.03 10.50
N LEU A 174 7.17 4.25 10.18
CA LEU A 174 5.75 4.58 10.12
C LEU A 174 5.11 3.98 8.88
N ASP A 175 3.87 3.55 9.02
CA ASP A 175 3.04 3.26 7.85
C ASP A 175 2.75 4.58 7.13
N ILE A 176 2.34 4.46 5.86
CA ILE A 176 2.19 5.63 5.00
C ILE A 176 1.16 6.60 5.57
N GLU A 177 0.02 6.08 6.00
CA GLU A 177 -1.03 6.99 6.46
C GLU A 177 -0.60 7.71 7.74
N ALA A 178 0.03 7.00 8.66
CA ALA A 178 0.56 7.66 9.84
C ALA A 178 1.66 8.65 9.48
N ALA A 179 2.47 8.32 8.47
CA ALA A 179 3.56 9.21 8.06
C ALA A 179 3.01 10.50 7.43
N LYS A 180 1.92 10.39 6.69
CA LYS A 180 1.28 11.60 6.16
C LYS A 180 0.86 12.52 7.29
N VAL A 181 0.20 11.98 8.32
CA VAL A 181 -0.24 12.80 9.44
C VAL A 181 0.95 13.44 10.15
N GLU A 182 1.99 12.67 10.45
CA GLU A 182 3.10 13.22 11.21
C GLU A 182 3.87 14.29 10.44
N VAL A 183 4.19 14.02 9.16
CA VAL A 183 4.95 15.03 8.42
C VAL A 183 4.12 16.30 8.30
N THR A 184 2.79 16.18 8.10
CA THR A 184 1.98 17.38 7.96
C THR A 184 1.97 18.16 9.27
N ARG A 185 1.89 17.46 10.40
CA ARG A 185 1.97 18.14 11.71
C ARG A 185 3.27 18.93 11.84
N ARG A 186 4.40 18.32 11.44
CA ARG A 186 5.68 19.02 11.50
C ARG A 186 5.72 20.21 10.56
N LEU A 187 5.19 20.05 9.35
CA LEU A 187 5.13 21.17 8.41
C LEU A 187 4.34 22.35 9.00
N VAL A 188 3.22 22.06 9.64
CA VAL A 188 2.41 23.12 10.23
C VAL A 188 3.19 23.86 11.30
N LYS A 189 3.82 23.11 12.21
CA LYS A 189 4.57 23.76 13.27
C LYS A 189 5.73 24.58 12.73
N ASP A 190 6.26 24.20 11.57
CA ASP A 190 7.42 24.88 10.99
C ASP A 190 7.05 25.97 10.00
N GLY A 191 5.75 26.22 9.78
CA GLY A 191 5.29 27.18 8.80
C GLY A 191 5.62 26.79 7.38
N ARG A 192 5.74 25.49 7.11
CA ARG A 192 6.18 25.00 5.82
C ARG A 192 5.09 24.23 5.07
N GLY A 193 3.86 24.23 5.56
CA GLY A 193 2.80 23.58 4.81
C GLY A 193 1.57 23.38 5.67
N GLU A 194 0.59 22.71 5.07
CA GLU A 194 -0.68 22.41 5.71
C GLU A 194 -1.38 21.30 4.96
N SER A 195 -2.36 20.68 5.64
CA SER A 195 -3.21 19.71 4.96
C SER A 195 -4.10 20.40 3.93
N ARG A 196 -4.35 19.70 2.83
CA ARG A 196 -5.19 20.24 1.78
C ARG A 196 -5.97 19.09 1.14
N GLN B 2 -23.55 -12.15 -5.59
CA GLN B 2 -23.96 -13.05 -4.51
C GLN B 2 -22.76 -13.87 -4.01
N GLY B 3 -23.02 -14.84 -3.10
CA GLY B 3 -21.95 -15.54 -2.42
C GLY B 3 -21.50 -16.83 -3.10
N ALA B 4 -20.42 -17.41 -2.55
CA ALA B 4 -19.78 -18.56 -3.16
C ALA B 4 -19.45 -19.63 -2.12
N SER B 5 -19.46 -20.89 -2.59
CA SER B 5 -18.74 -22.00 -1.98
C SER B 5 -17.29 -22.02 -2.46
N VAL B 6 -16.35 -22.15 -1.52
CA VAL B 6 -14.92 -22.13 -1.83
C VAL B 6 -14.25 -23.30 -1.12
N LEU B 7 -13.39 -24.02 -1.84
CA LEU B 7 -12.70 -25.18 -1.28
C LEU B 7 -11.25 -24.83 -0.92
N PHE B 8 -10.88 -25.08 0.32
CA PHE B 8 -9.48 -24.96 0.75
C PHE B 8 -8.94 -26.37 1.05
N GLY B 9 -8.01 -26.85 0.24
CA GLY B 9 -7.42 -28.16 0.51
C GLY B 9 -6.48 -28.13 1.71
N ALA B 10 -6.56 -29.17 2.53
CA ALA B 10 -5.66 -29.32 3.66
C ALA B 10 -5.17 -30.76 3.72
N PRO B 11 -3.89 -30.96 3.99
CA PRO B 11 -3.34 -32.33 3.94
C PRO B 11 -4.03 -33.24 4.94
N GLY B 12 -4.34 -34.45 4.50
CA GLY B 12 -5.00 -35.44 5.35
C GLY B 12 -6.42 -35.13 5.73
N ALA B 13 -7.02 -34.06 5.23
CA ALA B 13 -8.41 -33.73 5.53
C ALA B 13 -9.24 -33.48 4.28
N GLY B 14 -8.68 -33.67 3.08
CA GLY B 14 -9.46 -33.33 1.90
C GLY B 14 -9.65 -31.82 1.82
N ASP B 15 -10.79 -31.40 1.30
CA ASP B 15 -11.10 -29.99 1.15
C ASP B 15 -11.96 -29.50 2.31
N ILE B 16 -11.62 -28.31 2.81
CA ILE B 16 -12.47 -27.60 3.75
C ILE B 16 -13.33 -26.64 2.94
N GLU B 17 -14.64 -26.84 2.95
CA GLU B 17 -15.53 -25.98 2.19
C GLU B 17 -15.96 -24.82 3.06
N VAL B 18 -15.87 -23.62 2.54
CA VAL B 18 -16.36 -22.46 3.24
C VAL B 18 -17.43 -21.78 2.39
N PHE B 19 -18.34 -21.10 3.07
CA PHE B 19 -19.26 -20.19 2.41
C PHE B 19 -18.81 -18.76 2.66
N THR B 20 -18.75 -17.96 1.60
CA THR B 20 -18.41 -16.56 1.73
C THR B 20 -19.31 -15.69 0.86
N THR B 21 -19.71 -14.56 1.43
CA THR B 21 -20.42 -13.53 0.65
CA THR B 21 -20.41 -13.53 0.66
C THR B 21 -19.46 -12.57 -0.04
N ARG B 22 -18.16 -12.67 0.24
CA ARG B 22 -17.13 -11.83 -0.38
C ARG B 22 -16.01 -12.69 -0.98
N PRO B 23 -16.32 -13.56 -1.95
CA PRO B 23 -15.26 -14.32 -2.63
C PRO B 23 -14.22 -13.42 -3.29
N ASP B 24 -14.61 -12.17 -3.59
CA ASP B 24 -13.67 -11.20 -4.16
C ASP B 24 -12.48 -10.91 -3.23
N THR B 25 -12.59 -11.17 -1.93
CA THR B 25 -11.54 -10.87 -0.98
C THR B 25 -10.63 -12.06 -0.76
N LEU B 26 -10.74 -13.10 -1.58
CA LEU B 26 -9.96 -14.32 -1.36
C LEU B 26 -8.46 -14.08 -1.21
N PHE B 27 -7.88 -13.10 -1.87
CA PHE B 27 -6.43 -12.90 -1.72
C PHE B 27 -6.06 -12.27 -0.37
N GLY B 28 -7.06 -11.86 0.43
CA GLY B 28 -6.88 -11.39 1.78
C GLY B 28 -7.25 -12.39 2.86
N ALA B 29 -7.50 -13.64 2.50
CA ALA B 29 -7.78 -14.69 3.46
C ALA B 29 -6.47 -15.16 4.03
N THR B 30 -6.15 -14.72 5.26
CA THR B 30 -4.86 -15.02 5.88
C THR B 30 -4.94 -16.11 6.93
N TYR B 31 -6.13 -16.61 7.21
CA TYR B 31 -6.28 -17.79 8.06
C TYR B 31 -7.69 -18.29 7.83
N MET B 32 -7.98 -19.45 8.39
CA MET B 32 -9.31 -20.04 8.29
C MET B 32 -9.81 -20.30 9.70
N VAL B 33 -11.14 -20.31 9.86
CA VAL B 33 -11.72 -20.67 11.15
C VAL B 33 -12.83 -21.70 10.96
N LEU B 34 -12.76 -22.79 11.73
CA LEU B 34 -13.78 -23.82 11.77
C LEU B 34 -14.51 -23.76 13.11
N ALA B 35 -15.79 -24.11 13.05
CA ALA B 35 -16.56 -24.30 14.27
C ALA B 35 -15.86 -25.35 15.13
N PRO B 36 -15.89 -25.21 16.45
CA PRO B 36 -15.08 -26.14 17.28
C PRO B 36 -15.42 -27.61 17.09
N GLU B 37 -16.69 -27.94 16.86
CA GLU B 37 -17.09 -29.33 16.66
C GLU B 37 -17.21 -29.71 15.18
N HIS B 38 -16.62 -28.92 14.30
CA HIS B 38 -16.59 -29.24 12.84
C HIS B 38 -16.00 -30.64 12.73
N PRO B 39 -16.55 -31.55 11.91
CA PRO B 39 -16.03 -32.93 11.84
C PRO B 39 -14.62 -33.06 11.25
N LEU B 40 -14.10 -32.08 10.51
CA LEU B 40 -12.76 -32.28 9.97
C LEU B 40 -11.67 -31.89 10.96
N VAL B 41 -12.05 -31.22 12.06
CA VAL B 41 -11.03 -30.68 13.03
C VAL B 41 -10.16 -31.84 13.57
N ASP B 42 -10.76 -32.96 13.95
CA ASP B 42 -9.97 -34.04 14.53
C ASP B 42 -9.00 -34.59 13.49
N GLN B 43 -9.35 -34.49 12.20
CA GLN B 43 -8.49 -34.98 11.13
C GLN B 43 -7.38 -34.00 10.84
N LEU B 44 -7.61 -32.73 11.15
CA LEU B 44 -6.66 -31.67 10.87
C LEU B 44 -5.58 -31.56 11.92
N ALA B 45 -5.90 -31.87 13.15
CA ALA B 45 -5.01 -31.61 14.29
C ALA B 45 -3.62 -32.19 14.05
N ALA B 46 -2.61 -31.36 14.25
CA ALA B 46 -1.23 -31.81 14.11
C ALA B 46 -0.79 -32.54 15.38
N ASP B 47 0.23 -33.39 15.24
CA ASP B 47 0.76 -34.07 16.41
C ASP B 47 1.56 -33.13 17.31
N VAL B 48 2.20 -32.11 16.74
CA VAL B 48 3.16 -31.26 17.43
C VAL B 48 2.87 -29.82 17.01
N TRP B 49 2.99 -28.86 17.93
CA TRP B 49 2.87 -27.47 17.48
C TRP B 49 3.96 -27.18 16.45
N PRO B 50 3.62 -26.65 15.25
CA PRO B 50 4.66 -26.27 14.29
C PRO B 50 5.55 -25.16 14.82
N GLN B 51 6.72 -25.04 14.22
CA GLN B 51 7.71 -24.09 14.70
C GLN B 51 7.18 -22.67 14.88
N ASP B 52 6.37 -22.20 13.94
CA ASP B 52 5.93 -20.82 13.96
C ASP B 52 4.62 -20.61 14.73
N THR B 53 4.24 -21.57 15.56
CA THR B 53 3.08 -21.37 16.42
C THR B 53 3.31 -20.22 17.40
N ASP B 54 2.35 -19.29 17.45
CA ASP B 54 2.37 -18.21 18.43
C ASP B 54 1.88 -18.75 19.77
N PRO B 55 2.53 -18.38 20.87
CA PRO B 55 2.09 -18.91 22.18
C PRO B 55 0.69 -18.48 22.58
N ARG B 56 0.16 -17.41 21.99
CA ARG B 56 -1.22 -17.01 22.24
C ARG B 56 -2.23 -17.97 21.61
N TRP B 57 -1.80 -18.86 20.71
CA TRP B 57 -2.70 -19.69 19.94
C TRP B 57 -2.96 -21.06 20.56
N THR B 58 -2.29 -21.41 21.65
CA THR B 58 -2.21 -22.78 22.13
C THR B 58 -3.20 -23.09 23.25
N GLY B 59 -3.96 -22.10 23.71
CA GLY B 59 -4.75 -22.31 24.92
C GLY B 59 -3.91 -22.70 26.11
N GLY B 60 -2.62 -22.44 26.07
CA GLY B 60 -1.73 -22.88 27.12
C GLY B 60 -1.41 -24.36 27.14
N GLN B 61 -1.82 -25.12 26.14
CA GLN B 61 -1.60 -26.56 26.08
C GLN B 61 -0.33 -26.93 25.29
N ASP B 62 0.24 -28.11 25.62
CA ASP B 62 1.49 -28.53 25.01
C ASP B 62 1.32 -29.11 23.62
N SER B 63 0.08 -29.36 23.16
CA SER B 63 -0.11 -30.01 21.87
C SER B 63 -1.40 -29.54 21.25
N PRO B 64 -1.53 -29.62 19.93
CA PRO B 64 -2.78 -29.16 19.27
C PRO B 64 -4.04 -29.85 19.75
N ARG B 65 -3.99 -31.18 19.89
CA ARG B 65 -5.20 -31.91 20.29
C ARG B 65 -5.63 -31.53 21.71
N ALA B 66 -4.67 -31.23 22.59
CA ALA B 66 -5.01 -30.75 23.93
C ALA B 66 -5.67 -29.38 23.87
N ALA B 67 -5.13 -28.47 23.08
CA ALA B 67 -5.79 -27.17 22.91
C ALA B 67 -7.21 -27.35 22.39
N ILE B 68 -7.39 -28.23 21.41
CA ILE B 68 -8.69 -28.38 20.76
C ILE B 68 -9.71 -28.92 21.76
N GLU B 69 -9.36 -30.01 22.43
CA GLU B 69 -10.30 -30.64 23.36
C GLU B 69 -10.59 -29.72 24.54
N GLN B 70 -9.57 -29.06 25.06
CA GLN B 70 -9.81 -28.21 26.21
C GLN B 70 -10.58 -26.97 25.81
N TYR B 71 -10.33 -26.42 24.61
CA TYR B 71 -11.20 -25.33 24.15
C TYR B 71 -12.64 -25.80 24.02
N ARG B 72 -12.86 -26.97 23.43
CA ARG B 72 -14.20 -27.51 23.29
C ARG B 72 -14.86 -27.63 24.67
N ARG B 73 -14.13 -28.13 25.66
CA ARG B 73 -14.73 -28.25 26.98
C ARG B 73 -15.05 -26.89 27.57
N SER B 74 -14.20 -25.89 27.29
CA SER B 74 -14.40 -24.56 27.85
C SER B 74 -15.69 -23.94 27.34
N ILE B 75 -16.05 -24.17 26.08
CA ILE B 75 -17.22 -23.50 25.51
C ILE B 75 -18.49 -24.31 25.73
N ALA B 76 -18.40 -25.64 25.61
CA ALA B 76 -19.56 -26.48 25.87
C ALA B 76 -20.08 -26.32 27.29
N ALA B 77 -19.31 -25.66 28.17
CA ALA B 77 -19.63 -25.56 29.58
C ALA B 77 -20.08 -24.17 30.02
N LYS B 78 -20.31 -23.26 29.09
CA LYS B 78 -20.67 -21.89 29.45
C LYS B 78 -21.95 -21.47 28.74
N SER B 79 -22.60 -20.44 29.31
CA SER B 79 -23.87 -19.94 28.80
C SER B 79 -23.67 -18.62 28.05
N LYS B 87 -18.75 -11.62 23.45
CA LYS B 87 -17.82 -10.56 23.77
C LYS B 87 -16.53 -10.72 23.05
N GLU B 88 -15.58 -11.29 23.79
CA GLU B 88 -14.18 -11.36 23.42
C GLU B 88 -13.94 -12.57 22.54
N LYS B 89 -13.04 -12.40 21.58
CA LYS B 89 -12.71 -13.46 20.64
C LYS B 89 -11.82 -14.50 21.34
N THR B 90 -12.20 -15.78 21.22
CA THR B 90 -11.41 -16.86 21.75
C THR B 90 -11.23 -17.92 20.68
N GLY B 91 -10.26 -18.80 20.86
CA GLY B 91 -10.01 -19.87 19.91
C GLY B 91 -8.62 -20.44 20.07
N VAL B 92 -8.32 -21.50 19.30
CA VAL B 92 -7.02 -22.15 19.33
C VAL B 92 -6.66 -22.57 17.92
N PHE B 93 -5.36 -22.69 17.69
CA PHE B 93 -4.78 -23.22 16.46
C PHE B 93 -4.84 -24.73 16.42
N THR B 94 -5.16 -25.28 15.24
CA THR B 94 -5.17 -26.72 15.06
C THR B 94 -3.80 -27.30 14.76
N GLY B 95 -2.82 -26.44 14.37
CA GLY B 95 -1.57 -26.91 13.87
C GLY B 95 -1.53 -27.16 12.39
N ALA B 96 -2.70 -27.11 11.71
CA ALA B 96 -2.76 -27.38 10.29
C ALA B 96 -2.77 -26.11 9.45
N TYR B 97 -2.28 -26.25 8.22
CA TYR B 97 -2.32 -25.19 7.22
C TYR B 97 -3.01 -25.69 5.96
N ALA B 98 -3.97 -24.90 5.49
CA ALA B 98 -4.68 -25.15 4.25
C ALA B 98 -4.07 -24.32 3.12
N THR B 99 -4.39 -24.71 1.89
CA THR B 99 -3.90 -24.00 0.72
C THR B 99 -4.96 -23.02 0.21
N ASN B 100 -4.62 -21.73 0.21
CA ASN B 100 -5.47 -20.72 -0.37
C ASN B 100 -5.69 -21.07 -1.83
N PRO B 101 -6.93 -21.19 -2.29
CA PRO B 101 -7.19 -21.76 -3.62
C PRO B 101 -6.92 -20.84 -4.79
N VAL B 102 -6.67 -19.56 -4.57
CA VAL B 102 -6.28 -18.65 -5.65
C VAL B 102 -4.82 -18.20 -5.55
N SER B 103 -4.21 -18.22 -4.37
CA SER B 103 -2.84 -17.75 -4.23
C SER B 103 -1.84 -18.88 -4.00
N GLY B 104 -2.31 -20.04 -3.56
CA GLY B 104 -1.41 -21.11 -3.17
C GLY B 104 -0.73 -20.96 -1.84
N LYS B 105 -0.98 -19.87 -1.12
CA LYS B 105 -0.26 -19.61 0.11
C LYS B 105 -0.83 -20.41 1.28
N PRO B 106 0.02 -20.75 2.27
CA PRO B 106 -0.49 -21.47 3.44
C PRO B 106 -1.34 -20.55 4.29
N VAL B 107 -2.46 -21.08 4.77
CA VAL B 107 -3.34 -20.35 5.66
C VAL B 107 -3.58 -21.20 6.90
N PRO B 108 -3.16 -20.75 8.08
CA PRO B 108 -3.36 -21.55 9.29
C PRO B 108 -4.82 -21.70 9.66
N VAL B 109 -5.14 -22.90 10.18
CA VAL B 109 -6.52 -23.29 10.49
C VAL B 109 -6.74 -23.24 11.99
N PHE B 110 -7.71 -22.43 12.41
CA PHE B 110 -8.12 -22.27 13.78
C PHE B 110 -9.51 -22.84 14.01
N ILE B 111 -9.85 -23.05 15.31
CA ILE B 111 -11.24 -23.23 15.71
C ILE B 111 -11.58 -22.09 16.65
N ALA B 112 -12.82 -21.61 16.58
CA ALA B 112 -13.21 -20.48 17.40
C ALA B 112 -14.73 -20.47 17.48
N ASP B 113 -15.25 -20.11 18.63
CA ASP B 113 -16.69 -20.24 18.76
C ASP B 113 -17.47 -19.13 18.10
N TYR B 114 -16.82 -18.12 17.54
CA TYR B 114 -17.57 -17.15 16.73
C TYR B 114 -18.02 -17.74 15.40
N VAL B 115 -17.53 -18.91 15.04
CA VAL B 115 -17.98 -19.62 13.86
C VAL B 115 -18.95 -20.71 14.33
N LEU B 116 -20.16 -20.66 13.81
CA LEU B 116 -21.24 -21.55 14.20
C LEU B 116 -21.25 -22.81 13.36
N LEU B 117 -21.33 -23.97 14.02
CA LEU B 117 -21.32 -25.22 13.29
C LEU B 117 -22.50 -25.29 12.32
N GLY B 118 -23.67 -24.82 12.75
CA GLY B 118 -24.86 -25.04 11.95
C GLY B 118 -25.10 -24.04 10.84
N TYR B 119 -24.26 -23.02 10.71
CA TYR B 119 -24.46 -21.93 9.71
C TYR B 119 -23.56 -22.22 8.52
N GLY B 120 -24.07 -22.19 7.29
CA GLY B 120 -23.30 -22.46 6.10
C GLY B 120 -22.68 -23.83 6.17
N THR B 121 -21.35 -23.90 6.07
CA THR B 121 -20.62 -25.16 6.12
C THR B 121 -19.95 -25.37 7.46
N GLY B 122 -20.18 -24.49 8.43
CA GLY B 122 -19.46 -24.55 9.69
C GLY B 122 -18.03 -24.09 9.61
N ALA B 123 -17.64 -23.44 8.53
CA ALA B 123 -16.26 -23.02 8.34
C ALA B 123 -16.22 -21.74 7.52
N ILE B 124 -15.26 -20.87 7.84
CA ILE B 124 -15.06 -19.65 7.08
C ILE B 124 -13.63 -19.56 6.59
N MET B 125 -13.44 -18.71 5.57
CA MET B 125 -12.17 -18.06 5.35
C MET B 125 -12.17 -16.75 6.13
N ALA B 126 -11.02 -16.38 6.71
CA ALA B 126 -10.93 -15.18 7.55
C ALA B 126 -10.16 -14.10 6.78
N VAL B 127 -10.78 -12.94 6.64
CA VAL B 127 -10.26 -11.81 5.88
C VAL B 127 -10.27 -10.64 6.86
N PRO B 128 -9.27 -10.53 7.75
CA PRO B 128 -9.32 -9.45 8.74
C PRO B 128 -9.28 -8.07 8.15
N GLY B 129 -8.79 -7.92 6.92
CA GLY B 129 -8.80 -6.60 6.31
C GLY B 129 -10.18 -6.03 6.04
N HIS B 130 -11.21 -6.88 5.95
CA HIS B 130 -12.49 -6.42 5.43
C HIS B 130 -13.68 -7.03 6.16
N ASP B 131 -13.44 -7.71 7.28
CA ASP B 131 -14.48 -8.31 8.09
C ASP B 131 -14.08 -8.07 9.52
N GLN B 132 -14.87 -7.26 10.22
CA GLN B 132 -14.40 -6.81 11.53
C GLN B 132 -14.38 -7.95 12.53
N ARG B 133 -15.21 -8.98 12.34
CA ARG B 133 -15.11 -10.15 13.19
C ARG B 133 -13.76 -10.81 13.01
N ASP B 134 -13.31 -10.93 11.77
CA ASP B 134 -11.97 -11.48 11.52
C ASP B 134 -10.88 -10.52 11.98
N TRP B 135 -11.12 -9.20 11.88
CA TRP B 135 -10.14 -8.24 12.37
C TRP B 135 -9.94 -8.38 13.88
N ASP B 136 -11.05 -8.45 14.64
CA ASP B 136 -10.96 -8.60 16.09
C ASP B 136 -10.19 -9.88 16.46
N PHE B 137 -10.50 -10.99 15.80
CA PHE B 137 -9.79 -12.23 16.11
C PHE B 137 -8.32 -12.12 15.76
N ALA B 138 -8.00 -11.56 14.58
CA ALA B 138 -6.60 -11.42 14.16
C ALA B 138 -5.82 -10.50 15.10
N ASN B 139 -6.47 -9.48 15.66
CA ASN B 139 -5.78 -8.55 16.52
C ASN B 139 -5.60 -9.08 17.93
N THR B 140 -6.46 -9.99 18.36
CA THR B 140 -6.29 -10.66 19.64
C THR B 140 -5.17 -11.70 19.55
N PHE B 141 -5.10 -12.44 18.46
CA PHE B 141 -4.20 -13.58 18.39
C PHE B 141 -2.92 -13.35 17.60
N GLY B 142 -2.80 -12.23 16.90
CA GLY B 142 -1.61 -11.93 16.12
C GLY B 142 -1.55 -12.58 14.76
N LEU B 143 -2.59 -12.40 13.95
CA LEU B 143 -2.60 -12.93 12.60
C LEU B 143 -2.46 -11.81 11.59
N PRO B 144 -1.98 -12.13 10.39
CA PRO B 144 -1.68 -11.08 9.42
C PRO B 144 -2.97 -10.46 8.88
N VAL B 145 -2.91 -9.16 8.65
CA VAL B 145 -4.04 -8.40 8.08
C VAL B 145 -3.60 -7.90 6.71
N GLN B 146 -4.36 -8.27 5.67
CA GLN B 146 -4.06 -7.96 4.28
C GLN B 146 -5.18 -7.13 3.67
N GLU B 147 -4.83 -5.96 3.14
CA GLU B 147 -5.76 -5.15 2.35
C GLU B 147 -5.90 -5.72 0.95
N VAL B 148 -7.14 -5.87 0.49
CA VAL B 148 -7.37 -6.25 -0.91
C VAL B 148 -8.43 -5.36 -1.55
N ILE B 149 -9.08 -4.51 -0.75
CA ILE B 149 -10.00 -3.48 -1.22
C ILE B 149 -9.47 -2.12 -0.79
N SER B 150 -9.19 -1.25 -1.76
CA SER B 150 -8.69 0.09 -1.45
C SER B 150 -9.78 0.96 -0.83
N GLY B 151 -9.40 1.77 0.15
CA GLY B 151 -10.29 2.82 0.62
C GLY B 151 -10.22 3.14 2.09
N GLY B 152 -9.71 2.22 2.88
CA GLY B 152 -9.65 2.38 4.31
C GLY B 152 -8.24 2.25 4.82
N ASP B 153 -8.10 1.85 6.07
CA ASP B 153 -6.81 1.63 6.70
C ASP B 153 -6.91 0.38 7.55
N VAL B 154 -6.45 -0.75 7.02
CA VAL B 154 -6.71 -2.02 7.70
C VAL B 154 -5.85 -2.19 8.94
N THR B 155 -4.89 -1.29 9.20
CA THR B 155 -4.20 -1.35 10.46
C THR B 155 -5.06 -0.85 11.61
N LYS B 156 -6.14 -0.11 11.33
CA LYS B 156 -7.01 0.43 12.38
C LYS B 156 -8.32 -0.35 12.54
N ALA B 157 -8.87 -0.85 11.43
CA ALA B 157 -10.14 -1.55 11.43
C ALA B 157 -10.37 -2.14 10.05
N ALA B 158 -11.29 -3.10 10.00
CA ALA B 158 -11.67 -3.67 8.71
C ALA B 158 -12.32 -2.62 7.82
N TYR B 159 -11.94 -2.63 6.56
CA TYR B 159 -12.53 -1.71 5.59
C TYR B 159 -13.69 -2.42 4.91
N THR B 160 -14.91 -1.98 5.23
CA THR B 160 -16.12 -2.60 4.72
C THR B 160 -16.79 -1.79 3.63
N GLY B 161 -16.13 -0.77 3.10
CA GLY B 161 -16.71 0.05 2.05
C GLY B 161 -16.36 -0.45 0.66
N ASP B 162 -16.72 0.37 -0.31
CA ASP B 162 -16.40 0.10 -1.71
C ASP B 162 -15.01 0.60 -2.09
N GLY B 163 -14.43 -0.11 -3.03
CA GLY B 163 -13.16 0.26 -3.58
C GLY B 163 -12.80 -0.71 -4.66
N VAL B 164 -11.59 -0.56 -5.16
CA VAL B 164 -11.08 -1.41 -6.23
C VAL B 164 -10.19 -2.48 -5.62
N LEU B 165 -10.14 -3.61 -6.31
CA LEU B 165 -9.27 -4.70 -5.88
C LEU B 165 -7.81 -4.32 -5.99
N VAL B 166 -7.05 -4.60 -4.94
CA VAL B 166 -5.61 -4.47 -4.92
C VAL B 166 -5.03 -5.76 -4.36
N ASN B 167 -3.71 -5.93 -4.55
CA ASN B 167 -2.98 -7.08 -4.02
C ASN B 167 -3.67 -8.40 -4.34
N SER B 168 -4.33 -8.47 -5.49
CA SER B 168 -5.18 -9.60 -5.86
C SER B 168 -4.98 -10.05 -7.31
N ASP B 169 -3.76 -9.98 -7.83
CA ASP B 169 -3.43 -10.65 -9.10
C ASP B 169 -4.42 -10.24 -10.20
N TYR B 170 -5.07 -11.18 -10.86
CA TYR B 170 -5.92 -10.89 -12.01
C TYR B 170 -7.18 -10.10 -11.65
N LEU B 171 -7.45 -9.89 -10.37
CA LEU B 171 -8.58 -9.08 -9.96
C LEU B 171 -8.24 -7.61 -9.84
N ASP B 172 -6.95 -7.28 -9.86
CA ASP B 172 -6.49 -5.94 -9.54
C ASP B 172 -7.19 -4.91 -10.43
N GLY B 173 -7.76 -3.87 -9.80
CA GLY B 173 -8.45 -2.80 -10.49
C GLY B 173 -9.91 -3.05 -10.75
N LEU B 174 -10.41 -4.26 -10.57
CA LEU B 174 -11.82 -4.49 -10.77
C LEU B 174 -12.63 -3.89 -9.64
N ASP B 175 -13.89 -3.58 -9.94
CA ASP B 175 -14.86 -3.27 -8.91
C ASP B 175 -15.26 -4.56 -8.20
N ILE B 176 -15.84 -4.42 -7.01
CA ILE B 176 -16.15 -5.59 -6.17
C ILE B 176 -17.07 -6.56 -6.89
N GLU B 177 -18.18 -6.06 -7.46
CA GLU B 177 -19.11 -6.96 -8.13
C GLU B 177 -18.47 -7.68 -9.31
N ALA B 178 -17.65 -6.97 -10.07
CA ALA B 178 -16.91 -7.61 -11.16
C ALA B 178 -15.90 -8.62 -10.63
N ALA B 179 -15.31 -8.32 -9.48
CA ALA B 179 -14.32 -9.24 -8.91
C ALA B 179 -14.99 -10.53 -8.44
N LYS B 180 -16.17 -10.43 -7.84
CA LYS B 180 -16.90 -11.64 -7.48
C LYS B 180 -17.16 -12.52 -8.69
N VAL B 181 -17.52 -11.93 -9.82
CA VAL B 181 -17.84 -12.74 -10.98
C VAL B 181 -16.59 -13.46 -11.48
N GLU B 182 -15.48 -12.72 -11.56
CA GLU B 182 -14.25 -13.27 -12.14
C GLU B 182 -13.64 -14.33 -11.24
N VAL B 183 -13.51 -14.03 -9.95
CA VAL B 183 -12.94 -15.03 -9.04
C VAL B 183 -13.78 -16.30 -9.04
N THR B 184 -15.11 -16.16 -9.07
CA THR B 184 -15.96 -17.35 -9.07
C THR B 184 -15.76 -18.15 -10.35
N ARG B 185 -15.70 -17.47 -11.50
CA ARG B 185 -15.44 -18.14 -12.77
C ARG B 185 -14.14 -18.94 -12.73
N ARG B 186 -13.09 -18.36 -12.16
CA ARG B 186 -11.81 -19.08 -12.05
C ARG B 186 -11.90 -20.24 -11.07
N LEU B 187 -12.62 -20.06 -9.95
CA LEU B 187 -12.79 -21.16 -9.03
C LEU B 187 -13.49 -22.32 -9.70
N VAL B 188 -14.48 -22.03 -10.54
CA VAL B 188 -15.19 -23.13 -11.20
C VAL B 188 -14.24 -23.88 -12.12
N LYS B 189 -13.50 -23.12 -12.94
CA LYS B 189 -12.55 -23.73 -13.88
C LYS B 189 -11.49 -24.54 -13.16
N ASP B 190 -11.07 -24.12 -11.96
CA ASP B 190 -10.07 -24.87 -11.23
C ASP B 190 -10.68 -25.97 -10.36
N GLY B 191 -11.98 -26.10 -10.32
CA GLY B 191 -12.62 -27.04 -9.43
C GLY B 191 -12.46 -26.70 -7.96
N ARG B 192 -12.45 -25.41 -7.61
CA ARG B 192 -12.20 -24.95 -6.25
C ARG B 192 -13.37 -24.15 -5.66
N GLY B 193 -14.50 -24.13 -6.34
CA GLY B 193 -15.61 -23.37 -5.79
C GLY B 193 -16.72 -23.26 -6.82
N GLU B 194 -17.81 -22.65 -6.38
CA GLU B 194 -18.97 -22.48 -7.26
C GLU B 194 -19.80 -21.35 -6.70
N SER B 195 -20.59 -20.73 -7.57
CA SER B 195 -21.50 -19.63 -7.15
C SER B 195 -22.55 -20.20 -6.18
N ARG B 196 -22.96 -19.42 -5.20
CA ARG B 196 -23.91 -19.83 -4.16
C ARG B 196 -23.43 -21.09 -3.45
O3P 365 C . -5.40 14.12 -8.18
B 365 C . 2.41 13.76 -6.07
P 365 C . -4.43 14.66 -7.19
N1 365 C . 1.06 18.92 -12.71
O1 365 C . 3.50 14.27 -5.27
C2 365 C . 1.35 17.62 -12.75
N3 365 C . 1.29 16.86 -11.64
C4 365 C . 0.91 17.46 -10.51
C5 365 C . 0.62 18.77 -10.44
C6 365 C . 0.69 19.51 -11.55
N6 365 C . 0.43 20.81 -11.55
N7 365 C . 0.28 19.11 -9.14
C8 365 C . 0.38 17.99 -8.47
N9 365 C . 0.77 16.93 -9.25
C1' 365 C . 1.05 15.54 -8.89
C10 365 C . 4.47 13.26 -4.97
C11 365 C . 3.82 11.94 -5.29
C12 365 C . 2.62 12.16 -5.92
C13 365 C . 4.31 10.67 -5.06
C14 365 C . 3.55 9.60 -5.47
C15 365 C . 2.33 9.79 -6.11
C16 365 C . 1.85 11.08 -6.34
C17 365 C . 5.70 13.43 -5.85
N18 365 C . 5.33 13.77 -7.24
O19 365 C . 0.66 11.38 -6.96
O1P 365 C . -4.74 16.09 -6.90
C2' 365 C . 1.76 15.42 -7.54
O2' 365 C . 2.50 14.21 -7.42
C20 365 C . -0.29 10.33 -7.24
C21 365 C . -1.64 10.89 -7.68
C22 365 C . -1.70 11.44 -9.10
O23 365 C . -3.02 11.67 -9.64
O2P 365 C . -4.33 13.80 -5.97
C3' 365 C . 0.61 15.22 -6.54
O3' 365 C . 1.14 14.28 -5.62
C4' 365 C . -0.54 14.67 -7.39
O4' 365 C . -0.17 14.84 -8.77
C5' 365 C . -1.87 15.37 -7.14
O5' 365 C . -2.95 14.69 -7.84
H2 365 C . 1.64 17.17 -13.69
HN6 365 C . 0.48 21.32 -12.35
H8 365 C . 0.21 17.96 -7.40
H1' 365 C . 1.66 15.07 -9.69
H10 365 C . 4.75 13.32 -3.92
H13 365 C . 5.27 10.54 -4.59
H14 365 C . 3.90 8.58 -5.30
H15 365 C . 1.75 8.95 -6.43
H17 365 C . 6.27 12.48 -5.87
H17A 365 C . 6.33 14.22 -5.45
HN18 365 C . 4.75 13.02 -7.64
HN1A 365 C . 5.75 14.68 -7.49
H2' 365 C . 2.31 16.35 -7.35
H20 365 C . -0.44 9.73 -6.34
H20A 365 C . 0.09 9.70 -8.05
H21 365 C . -1.93 11.69 -7.01
H21A 365 C . -2.40 10.10 -7.60
H22 365 C . -1.23 10.73 -9.78
H22A 365 C . -1.19 12.39 -9.15
HO23 365 C . -2.95 12.02 -10.54
H3' 365 C . 0.29 16.18 -6.10
H4' 365 C . -0.66 13.60 -7.17
H5' 365 C . -2.07 15.37 -6.07
H5'A 365 C . -1.79 16.40 -7.50
S SO4 D . 12.97 14.19 15.91
O1 SO4 D . 12.00 13.10 16.08
O2 SO4 D . 13.63 14.38 17.20
O3 SO4 D . 13.92 13.90 14.84
O4 SO4 D . 12.27 15.42 15.54
O3P 365 E . -24.77 -15.78 4.41
B 365 E . -17.66 -13.68 5.03
P 365 E . -24.56 -14.38 4.89
N1 365 E . -20.20 -18.88 11.22
O1 365 E . -16.45 -14.22 4.52
C2 365 E . -19.92 -17.58 11.32
N3 365 E . -19.80 -16.80 10.23
C4 365 E . -19.98 -17.39 9.05
C5 365 E . -20.26 -18.71 8.91
C6 365 E . -20.36 -19.46 10.03
N6 365 E . -20.63 -20.76 9.95
N7 365 E . -20.36 -19.02 7.57
C8 365 E . -20.16 -17.90 6.94
N9 365 E . -19.91 -16.85 7.80
C1' 365 E . -19.56 -15.47 7.52
C10 365 E . -15.48 -13.22 4.30
C11 365 E . -16.16 -11.90 4.40
C12 365 E . -17.46 -12.10 4.86
C13 365 E . -15.65 -10.64 4.19
C14 365 E . -16.47 -9.55 4.41
C15 365 E . -17.78 -9.72 4.84
C16 365 E . -18.29 -11.00 5.07
C17 365 E . -14.40 -13.35 5.36
N18 365 E . -15.00 -13.75 6.64
O19 365 E . -19.57 -11.29 5.50
O1P 365 E . -24.28 -13.50 3.74
C2' 365 E . -18.58 -15.34 6.35
O2' 365 E . -17.84 -14.12 6.37
C20 365 E . -20.53 -10.24 5.71
C21 365 E . -21.96 -10.78 5.73
C22 365 E . -22.40 -11.38 7.07
O23 365 E . -23.79 -11.73 7.11
O2P 365 E . -25.59 -13.85 5.84
C3' 365 E . -19.50 -15.16 5.15
O3' 365 E . -18.78 -14.22 4.35
C4' 365 E . -20.78 -14.56 5.73
O4' 365 E . -20.72 -14.77 7.16
C5' 365 E . -22.06 -15.15 5.20
O5' 365 E . -23.19 -14.43 5.74
H2 365 E . -19.80 -17.15 12.31
HN6 365 E . -20.70 -21.28 10.74
H8 365 E . -20.12 -17.85 5.86
H1' 365 E . -19.12 -15.00 8.42
H10 365 E . -15.04 -13.36 3.29
H13 365 E . -14.61 -10.52 3.89
H14 365 E . -16.09 -8.55 4.24
H15 365 E . -18.41 -8.86 5.01
H17 365 E . -13.90 -12.39 5.48
H17A 365 E . -13.67 -14.10 5.06
HN18 365 E . -15.69 -13.04 6.95
HN1A 365 E . -14.60 -14.65 6.96
H2' 365 E . -18.00 -16.27 6.28
H20 365 E . -20.46 -9.50 4.91
H20A 365 E . -20.34 -9.75 6.66
H21 365 E . -22.07 -11.55 4.97
H21A 365 E . -22.65 -9.97 5.50
H22 365 E . -22.23 -10.65 7.86
H22A 365 E . -21.83 -12.28 7.26
HO23 365 E . -24.00 -12.10 7.98
H3' 365 E . -19.76 -16.11 4.68
H4' 365 E . -20.79 -13.47 5.52
H5' 365 E . -22.06 -15.07 4.11
H5'A 365 E . -22.12 -16.20 5.49
#